data_9DCR
#
_entry.id   9DCR
#
_cell.length_a   65.760
_cell.length_b   63.490
_cell.length_c   111.990
_cell.angle_alpha   90.000
_cell.angle_beta   101.550
_cell.angle_gamma   90.000
#
_symmetry.space_group_name_H-M   'C 1 2 1'
#
loop_
_entity.id
_entity.type
_entity.pdbx_description
1 polymer 'DUF4176 domain-containing protein'
2 non-polymer 1,2-ETHANEDIOL
3 non-polymer 'CHLORIDE ION'
4 water water
#
_entity_poly.entity_id   1
_entity_poly.type   'polypeptide(L)'
_entity_poly.pdbx_seq_one_letter_code
;MGSSHHHHHHSQDPMGEMDILYQMSLNHLAVIEADKEVLKQVGLSLAKQEEAFRELQLILFNHEHSYSHHGILGSSIEIL
LHWEQNNVEVMYLETKVALSMIDFRRWLAYTDLLLSPILPLGTTIELNKDLLPAALVTSMNEIGMPFLAIVLGRRLLLGP
EDREYIDYLVSIYPYGLRADVNPIYISNFFIKKVLQEGYSDAIDEQYIENQYRKDYFSRNIVSEIYNVKGEQS
;
_entity_poly.pdbx_strand_id   A,B
#
# COMPACT_ATOMS: atom_id res chain seq x y z
N PRO A 14 29.71 -4.13 -1.37
CA PRO A 14 30.62 -3.77 -0.28
C PRO A 14 30.23 -4.39 1.06
N MET A 15 31.21 -4.83 1.82
CA MET A 15 30.93 -5.41 3.13
C MET A 15 30.34 -4.36 4.06
N GLY A 16 29.29 -4.74 4.79
CA GLY A 16 28.59 -3.82 5.65
C GLY A 16 28.33 -4.35 7.05
N GLU A 17 27.52 -3.62 7.83
CA GLU A 17 27.26 -4.02 9.21
C GLU A 17 26.53 -5.36 9.27
N MET A 18 25.60 -5.61 8.35
CA MET A 18 24.85 -6.86 8.36
C MET A 18 25.78 -8.08 8.25
N ASP A 19 26.86 -7.96 7.51
CA ASP A 19 27.82 -9.06 7.41
C ASP A 19 28.43 -9.36 8.78
N ILE A 20 28.67 -8.33 9.58
CA ILE A 20 29.20 -8.52 10.93
C ILE A 20 28.19 -9.25 11.80
N LEU A 21 26.95 -8.76 11.83
CA LEU A 21 25.90 -9.43 12.59
C LEU A 21 25.73 -10.87 12.13
N TYR A 22 25.85 -11.12 10.83
CA TYR A 22 25.69 -12.47 10.30
C TYR A 22 26.79 -13.38 10.82
N GLN A 23 28.04 -12.89 10.86
CA GLN A 23 29.11 -13.70 11.42
C GLN A 23 28.88 -13.99 12.88
N MET A 24 28.35 -13.00 13.62
CA MET A 24 27.99 -13.23 15.02
C MET A 24 26.96 -14.34 15.15
N SER A 25 25.98 -14.37 14.25
CA SER A 25 24.96 -15.41 14.30
C SER A 25 25.57 -16.78 13.97
N LEU A 26 26.53 -16.81 13.03
CA LEU A 26 27.20 -18.07 12.71
C LEU A 26 28.04 -18.57 13.87
N ASN A 27 28.50 -17.67 14.74
CA ASN A 27 29.28 -18.07 15.90
C ASN A 27 28.44 -18.70 17.00
N HIS A 28 27.11 -18.65 16.89
CA HIS A 28 26.24 -19.41 17.79
C HIS A 28 26.14 -20.87 17.41
N LEU A 29 26.46 -21.23 16.16
CA LEU A 29 26.37 -22.61 15.71
C LEU A 29 27.55 -23.40 16.24
N ALA A 30 27.27 -24.57 16.82
CA ALA A 30 28.30 -25.48 17.30
C ALA A 30 28.84 -26.23 16.08
N VAL A 31 29.81 -25.66 15.43
CA VAL A 31 30.31 -26.18 14.15
C VAL A 31 31.68 -25.59 13.89
N ILE A 32 32.45 -26.25 13.03
CA ILE A 32 33.85 -25.90 12.78
C ILE A 32 33.92 -24.64 11.91
N GLU A 33 35.03 -23.89 12.06
CA GLU A 33 35.23 -22.69 11.27
C GLU A 33 35.18 -22.98 9.78
N ALA A 34 35.79 -24.07 9.34
CA ALA A 34 35.72 -24.46 7.94
C ALA A 34 34.27 -24.66 7.51
N ASP A 35 33.44 -25.20 8.39
CA ASP A 35 32.03 -25.38 8.07
C ASP A 35 31.23 -24.10 8.22
N LYS A 36 31.60 -23.22 9.16
CA LYS A 36 30.98 -21.89 9.21
C LYS A 36 31.16 -21.17 7.88
N GLU A 37 32.31 -21.34 7.24
CA GLU A 37 32.63 -20.59 6.03
C GLU A 37 31.71 -20.98 4.88
N VAL A 38 31.40 -22.27 4.73
CA VAL A 38 30.54 -22.65 3.62
C VAL A 38 29.09 -22.34 3.93
N LEU A 39 28.67 -22.41 5.20
CA LEU A 39 27.33 -21.96 5.56
C LEU A 39 27.17 -20.47 5.30
N LYS A 40 28.24 -19.69 5.52
CA LYS A 40 28.20 -18.28 5.19
C LYS A 40 27.97 -18.09 3.68
N GLN A 41 28.68 -18.86 2.87
CA GLN A 41 28.54 -18.72 1.42
C GLN A 41 27.19 -19.25 0.93
N VAL A 42 26.67 -20.31 1.55
CA VAL A 42 25.35 -20.79 1.16
C VAL A 42 24.29 -19.76 1.52
N GLY A 43 24.42 -19.13 2.68
CA GLY A 43 23.43 -18.14 3.10
C GLY A 43 23.45 -16.90 2.22
N LEU A 44 24.64 -16.40 1.90
CA LEU A 44 24.73 -15.26 0.98
C LEU A 44 24.14 -15.60 -0.38
N SER A 45 24.37 -16.83 -0.86
CA SER A 45 23.82 -17.24 -2.14
C SER A 45 22.30 -17.34 -2.09
N LEU A 46 21.75 -17.88 -1.00
CA LEU A 46 20.30 -17.94 -0.85
C LEU A 46 19.70 -16.54 -0.76
N ALA A 47 20.41 -15.61 -0.11
CA ALA A 47 19.89 -14.26 0.04
C ALA A 47 19.84 -13.53 -1.28
N LYS A 48 20.78 -13.81 -2.19
CA LYS A 48 20.80 -13.11 -3.47
C LYS A 48 19.84 -13.72 -4.48
N GLN A 49 19.41 -14.95 -4.29
CA GLN A 49 18.50 -15.64 -5.21
C GLN A 49 17.17 -15.83 -4.49
N GLU A 50 16.26 -14.87 -4.69
CA GLU A 50 15.02 -14.85 -3.92
C GLU A 50 14.17 -16.09 -4.19
N GLU A 51 14.06 -16.49 -5.45
CA GLU A 51 13.23 -17.66 -5.76
C GLU A 51 13.83 -18.93 -5.16
N ALA A 52 15.16 -19.04 -5.15
CA ALA A 52 15.81 -20.19 -4.53
C ALA A 52 15.51 -20.26 -3.04
N PHE A 53 15.60 -19.13 -2.34
CA PHE A 53 15.35 -19.12 -0.90
C PHE A 53 13.90 -19.47 -0.60
N ARG A 54 12.97 -18.91 -1.36
CA ARG A 54 11.55 -19.23 -1.16
C ARG A 54 11.30 -20.73 -1.29
N GLU A 55 11.92 -21.37 -2.29
CA GLU A 55 11.77 -22.80 -2.47
C GLU A 55 12.26 -23.57 -1.23
N LEU A 56 13.41 -23.15 -0.69
CA LEU A 56 13.93 -23.79 0.52
C LEU A 56 13.05 -23.51 1.72
N GLN A 57 12.52 -22.29 1.84
CA GLN A 57 11.64 -21.96 2.95
C GLN A 57 10.38 -22.81 2.92
N LEU A 58 9.84 -23.06 1.72
CA LEU A 58 8.66 -23.91 1.62
C LEU A 58 8.98 -25.35 1.97
N ILE A 59 10.18 -25.82 1.62
CA ILE A 59 10.57 -27.19 1.92
C ILE A 59 10.70 -27.38 3.44
N LEU A 60 11.31 -26.41 4.12
CA LEU A 60 11.38 -26.47 5.57
C LEU A 60 10.00 -26.42 6.20
N PHE A 61 9.12 -25.56 5.68
CA PHE A 61 7.79 -25.41 6.25
C PHE A 61 6.97 -26.69 6.10
N ASN A 62 7.01 -27.31 4.92
CA ASN A 62 6.23 -28.53 4.68
C ASN A 62 6.92 -29.80 5.16
N HIS A 63 8.05 -29.66 5.86
CA HIS A 63 8.79 -30.81 6.38
C HIS A 63 9.20 -31.77 5.26
N GLU A 64 9.59 -31.22 4.12
N GLU A 64 9.65 -31.22 4.14
CA GLU A 64 10.17 -32.01 3.05
CA GLU A 64 10.18 -32.02 3.04
C GLU A 64 11.62 -32.38 3.41
C GLU A 64 11.66 -32.29 3.28
N HIS A 65 12.12 -33.43 2.79
CA HIS A 65 13.44 -33.95 3.15
C HIS A 65 14.54 -33.64 2.17
N SER A 66 14.25 -33.05 1.00
CA SER A 66 15.29 -32.84 0.01
C SER A 66 15.13 -31.50 -0.69
N TYR A 67 16.26 -30.82 -0.90
CA TYR A 67 16.30 -29.53 -1.59
C TYR A 67 17.48 -29.55 -2.56
N SER A 68 17.22 -29.14 -3.80
CA SER A 68 18.25 -29.05 -4.82
C SER A 68 17.92 -27.85 -5.71
N HIS A 69 18.86 -26.92 -5.84
CA HIS A 69 18.63 -25.73 -6.65
C HIS A 69 19.94 -25.27 -7.27
N HIS A 70 19.86 -24.85 -8.53
CA HIS A 70 21.00 -24.30 -9.26
C HIS A 70 20.47 -23.14 -10.11
N GLY A 71 20.56 -21.93 -9.56
CA GLY A 71 20.06 -20.75 -10.23
C GLY A 71 21.02 -20.25 -11.31
N ILE A 72 20.87 -18.96 -11.63
CA ILE A 72 21.68 -18.34 -12.68
C ILE A 72 22.83 -17.56 -12.05
N LEU A 73 22.98 -17.71 -10.73
CA LEU A 73 23.96 -16.94 -9.97
C LEU A 73 25.09 -17.82 -9.50
N GLY A 74 24.88 -18.62 -8.45
CA GLY A 74 25.93 -19.34 -7.78
C GLY A 74 25.99 -20.82 -8.15
N SER A 75 26.60 -21.60 -7.28
CA SER A 75 26.72 -23.03 -7.49
C SER A 75 25.43 -23.73 -7.10
N SER A 76 25.40 -25.04 -7.35
CA SER A 76 24.27 -25.85 -6.91
C SER A 76 24.29 -26.01 -5.40
N ILE A 77 23.12 -25.90 -4.78
CA ILE A 77 22.95 -26.12 -3.35
C ILE A 77 22.09 -27.36 -3.18
N GLU A 78 22.59 -28.34 -2.43
CA GLU A 78 21.81 -29.51 -2.09
C GLU A 78 21.73 -29.60 -0.58
N ILE A 79 20.53 -29.83 -0.07
CA ILE A 79 20.29 -30.00 1.37
C ILE A 79 19.41 -31.22 1.56
N LEU A 80 19.80 -32.11 2.46
CA LEU A 80 18.98 -33.23 2.88
C LEU A 80 18.53 -32.97 4.31
N LEU A 81 17.22 -32.89 4.51
CA LEU A 81 16.64 -32.64 5.82
C LEU A 81 16.22 -33.97 6.42
N HIS A 82 17.02 -34.50 7.33
CA HIS A 82 16.74 -35.77 7.99
C HIS A 82 15.87 -35.48 9.21
N TRP A 83 14.56 -35.45 8.99
CA TRP A 83 13.64 -35.07 10.06
C TRP A 83 13.59 -36.13 11.16
N GLU A 84 13.65 -37.41 10.79
CA GLU A 84 13.60 -38.45 11.81
C GLU A 84 14.82 -38.42 12.72
N GLN A 85 15.97 -37.99 12.21
CA GLN A 85 17.20 -37.91 12.98
C GLN A 85 17.46 -36.52 13.53
N ASN A 86 16.58 -35.55 13.26
CA ASN A 86 16.70 -34.19 13.77
C ASN A 86 18.03 -33.55 13.40
N ASN A 87 18.48 -33.79 12.17
CA ASN A 87 19.70 -33.16 11.68
C ASN A 87 19.59 -32.97 10.16
N VAL A 88 20.60 -32.30 9.61
CA VAL A 88 20.56 -31.81 8.24
C VAL A 88 21.96 -31.95 7.64
N GLU A 89 22.01 -32.18 6.33
CA GLU A 89 23.25 -32.16 5.57
C GLU A 89 23.16 -31.08 4.50
N VAL A 90 24.21 -30.26 4.41
CA VAL A 90 24.31 -29.18 3.45
C VAL A 90 25.56 -29.40 2.62
N MET A 91 25.43 -29.29 1.30
CA MET A 91 26.56 -29.49 0.40
C MET A 91 26.69 -28.32 -0.55
N TYR A 92 27.90 -27.76 -0.62
CA TYR A 92 28.19 -26.63 -1.48
C TYR A 92 29.65 -26.74 -1.88
N LEU A 93 29.91 -26.77 -3.19
CA LEU A 93 31.27 -26.84 -3.73
C LEU A 93 32.02 -28.06 -3.17
N GLU A 94 31.38 -29.23 -3.30
CA GLU A 94 31.98 -30.50 -2.92
C GLU A 94 32.34 -30.56 -1.43
N THR A 95 31.75 -29.69 -0.62
CA THR A 95 31.98 -29.67 0.82
C THR A 95 30.66 -29.92 1.55
N LYS A 96 30.65 -30.91 2.43
CA LYS A 96 29.46 -31.35 3.12
C LYS A 96 29.50 -30.94 4.59
N VAL A 97 28.40 -30.41 5.09
CA VAL A 97 28.30 -29.93 6.46
C VAL A 97 27.11 -30.60 7.15
N ALA A 98 27.34 -31.09 8.36
CA ALA A 98 26.29 -31.67 9.19
C ALA A 98 25.86 -30.65 10.24
N LEU A 99 24.55 -30.42 10.33
CA LEU A 99 23.96 -29.53 11.32
C LEU A 99 22.83 -30.25 12.03
N SER A 100 22.68 -29.97 13.32
CA SER A 100 21.43 -30.32 13.99
C SER A 100 20.27 -29.53 13.36
N MET A 101 19.05 -30.04 13.56
CA MET A 101 17.90 -29.35 13.01
C MET A 101 17.69 -27.99 13.66
N ILE A 102 18.00 -27.87 14.94
CA ILE A 102 17.82 -26.59 15.63
C ILE A 102 18.84 -25.57 15.12
N ASP A 103 20.07 -26.01 14.83
CA ASP A 103 21.07 -25.11 14.25
C ASP A 103 20.74 -24.74 12.81
N PHE A 104 20.15 -25.67 12.06
CA PHE A 104 19.76 -25.39 10.69
C PHE A 104 18.67 -24.32 10.63
N ARG A 105 17.66 -24.44 11.51
CA ARG A 105 16.60 -23.43 11.57
C ARG A 105 17.15 -22.07 11.99
N ARG A 106 18.03 -22.05 12.99
CA ARG A 106 18.58 -20.77 13.45
C ARG A 106 19.44 -20.14 12.37
N TRP A 107 20.23 -20.95 11.65
CA TRP A 107 21.09 -20.43 10.59
C TRP A 107 20.28 -19.76 9.50
N LEU A 108 19.24 -20.43 9.01
CA LEU A 108 18.40 -19.84 7.98
C LEU A 108 17.64 -18.64 8.52
N ALA A 109 17.24 -18.69 9.80
CA ALA A 109 16.48 -17.59 10.39
C ALA A 109 17.27 -16.30 10.38
N TYR A 110 18.53 -16.35 10.77
CA TYR A 110 19.34 -15.14 10.76
C TYR A 110 19.88 -14.81 9.38
N THR A 111 19.98 -15.79 8.49
CA THR A 111 20.22 -15.50 7.09
C THR A 111 19.06 -14.67 6.52
N ASP A 112 17.83 -15.10 6.79
CA ASP A 112 16.65 -14.39 6.34
C ASP A 112 16.57 -13.01 6.98
N LEU A 113 16.75 -12.95 8.30
CA LEU A 113 16.60 -11.69 9.02
C LEU A 113 17.58 -10.63 8.52
N LEU A 114 18.85 -11.00 8.35
CA LEU A 114 19.89 -10.01 8.13
C LEU A 114 20.20 -9.75 6.66
N LEU A 115 19.89 -10.69 5.77
CA LEU A 115 20.36 -10.62 4.39
C LEU A 115 19.26 -10.64 3.34
N SER A 116 18.07 -11.12 3.65
CA SER A 116 17.01 -11.16 2.63
C SER A 116 16.54 -9.75 2.30
N PRO A 117 16.35 -9.42 1.02
CA PRO A 117 15.76 -8.13 0.67
C PRO A 117 14.37 -7.98 1.25
N ILE A 118 13.96 -6.72 1.44
CA ILE A 118 12.64 -6.37 1.94
C ILE A 118 12.00 -5.42 0.94
N LEU A 119 10.80 -5.78 0.48
CA LEU A 119 10.15 -5.04 -0.58
C LEU A 119 9.68 -3.67 -0.09
N PRO A 120 9.65 -2.67 -0.97
CA PRO A 120 9.08 -1.37 -0.59
C PRO A 120 7.59 -1.46 -0.28
N LEU A 121 7.12 -0.52 0.54
CA LEU A 121 5.69 -0.38 0.76
C LEU A 121 5.02 -0.03 -0.57
N GLY A 122 3.79 -0.53 -0.75
CA GLY A 122 3.06 -0.27 -1.98
C GLY A 122 3.46 -1.14 -3.15
N THR A 123 4.38 -2.09 -2.95
CA THR A 123 4.77 -3.00 -4.01
C THR A 123 3.60 -3.90 -4.39
N THR A 124 3.38 -4.07 -5.70
CA THR A 124 2.39 -5.01 -6.20
C THR A 124 3.05 -6.35 -6.52
N ILE A 125 2.50 -7.43 -5.95
CA ILE A 125 3.07 -8.76 -6.08
C ILE A 125 1.97 -9.70 -6.54
N GLU A 126 2.40 -10.80 -7.17
CA GLU A 126 1.51 -11.92 -7.48
C GLU A 126 1.77 -13.05 -6.48
N LEU A 127 0.71 -13.55 -5.87
CA LEU A 127 0.82 -14.63 -4.91
C LEU A 127 0.68 -15.97 -5.60
N ASN A 128 1.37 -16.98 -5.05
CA ASN A 128 1.26 -18.33 -5.56
C ASN A 128 -0.08 -18.92 -5.11
N LYS A 129 -1.00 -19.13 -6.06
CA LYS A 129 -2.31 -19.66 -5.71
C LYS A 129 -2.20 -21.02 -5.02
N ASP A 130 -1.23 -21.85 -5.44
CA ASP A 130 -1.06 -23.18 -4.87
C ASP A 130 -0.88 -23.13 -3.35
N LEU A 131 -0.29 -22.06 -2.83
CA LEU A 131 0.03 -21.96 -1.42
C LEU A 131 -1.05 -21.28 -0.59
N LEU A 132 -1.97 -20.56 -1.22
CA LEU A 132 -3.05 -19.91 -0.50
C LEU A 132 -4.17 -20.91 -0.22
N PRO A 133 -4.95 -20.69 0.84
CA PRO A 133 -6.09 -21.57 1.11
C PRO A 133 -7.12 -21.50 -0.01
N ALA A 134 -7.72 -22.67 -0.31
CA ALA A 134 -8.62 -22.76 -1.45
C ALA A 134 -9.84 -21.86 -1.30
N ALA A 135 -10.29 -21.64 -0.06
CA ALA A 135 -11.44 -20.76 0.15
C ALA A 135 -11.10 -19.33 -0.23
N LEU A 136 -9.85 -18.91 -0.04
CA LEU A 136 -9.45 -17.55 -0.42
C LEU A 136 -9.31 -17.43 -1.93
N VAL A 137 -8.74 -18.44 -2.59
CA VAL A 137 -8.58 -18.42 -4.03
C VAL A 137 -9.95 -18.40 -4.71
N THR A 138 -10.90 -19.18 -4.20
CA THR A 138 -12.19 -19.32 -4.88
C THR A 138 -13.05 -18.07 -4.71
N SER A 139 -12.97 -17.41 -3.56
CA SER A 139 -13.84 -16.28 -3.28
C SER A 139 -13.28 -14.97 -3.79
N MET A 140 -11.96 -14.78 -3.72
CA MET A 140 -11.32 -13.51 -4.06
C MET A 140 -10.56 -13.54 -5.36
N ASN A 141 -10.72 -14.59 -6.16
CA ASN A 141 -9.95 -14.75 -7.39
C ASN A 141 -10.71 -15.69 -8.30
N GLU A 142 -10.42 -15.60 -9.59
CA GLU A 142 -11.02 -16.48 -10.59
C GLU A 142 -9.95 -16.98 -11.53
N ILE A 143 -10.29 -18.06 -12.26
CA ILE A 143 -9.33 -18.71 -13.12
C ILE A 143 -8.91 -17.76 -14.24
N GLY A 144 -7.61 -17.76 -14.54
CA GLY A 144 -7.06 -16.90 -15.56
C GLY A 144 -6.63 -15.53 -15.08
N MET A 145 -6.95 -15.16 -13.85
CA MET A 145 -6.54 -13.88 -13.29
C MET A 145 -5.45 -14.11 -12.25
N PRO A 146 -4.28 -13.48 -12.39
CA PRO A 146 -3.26 -13.63 -11.35
C PRO A 146 -3.76 -13.06 -10.03
N PHE A 147 -3.38 -13.73 -8.94
CA PHE A 147 -3.76 -13.29 -7.59
C PHE A 147 -2.79 -12.18 -7.19
N LEU A 148 -3.20 -10.94 -7.40
CA LEU A 148 -2.35 -9.79 -7.12
C LEU A 148 -2.64 -9.22 -5.74
N ALA A 149 -1.60 -8.65 -5.11
CA ALA A 149 -1.71 -8.09 -3.78
C ALA A 149 -0.76 -6.91 -3.64
N ILE A 150 -1.02 -6.07 -2.63
CA ILE A 150 -0.24 -4.86 -2.38
C ILE A 150 0.37 -4.96 -0.98
N VAL A 151 1.67 -4.72 -0.88
CA VAL A 151 2.35 -4.75 0.42
C VAL A 151 1.92 -3.54 1.26
N LEU A 152 1.26 -3.82 2.39
CA LEU A 152 0.81 -2.78 3.32
C LEU A 152 1.75 -2.61 4.51
N GLY A 153 2.25 -3.71 5.07
CA GLY A 153 3.16 -3.65 6.18
C GLY A 153 4.20 -4.75 6.04
N ARG A 154 5.28 -4.60 6.80
CA ARG A 154 6.45 -5.46 6.63
C ARG A 154 7.00 -5.87 7.99
N ARG A 155 7.36 -7.15 8.10
CA ARG A 155 7.98 -7.73 9.29
C ARG A 155 7.24 -7.32 10.57
N LEU A 156 5.97 -7.72 10.63
CA LEU A 156 5.10 -7.31 11.72
C LEU A 156 5.25 -8.23 12.92
N LEU A 157 5.31 -7.64 14.11
CA LEU A 157 5.56 -8.38 15.34
C LEU A 157 4.31 -9.12 15.80
N LEU A 158 4.49 -10.37 16.22
N LEU A 158 4.50 -10.36 16.25
CA LEU A 158 3.40 -11.19 16.74
CA LEU A 158 3.41 -11.25 16.61
C LEU A 158 3.31 -10.95 18.25
C LEU A 158 3.16 -11.22 18.12
N GLY A 159 2.39 -10.09 18.65
N GLY A 159 1.89 -11.03 18.50
CA GLY A 159 2.26 -9.70 20.03
CA GLY A 159 1.47 -11.17 19.87
C GLY A 159 1.62 -10.79 20.87
C GLY A 159 2.04 -10.12 20.79
N PRO A 160 1.63 -10.58 22.20
N PRO A 160 1.75 -10.25 22.09
CA PRO A 160 2.19 -9.43 22.92
CA PRO A 160 2.28 -9.27 23.06
C PRO A 160 3.70 -9.52 23.16
C PRO A 160 3.77 -9.40 23.29
N GLU A 161 4.30 -10.72 23.09
N GLU A 161 4.35 -10.60 23.18
CA GLU A 161 5.70 -10.87 23.47
CA GLU A 161 5.75 -10.81 23.51
C GLU A 161 6.67 -10.43 22.40
C GLU A 161 6.70 -10.41 22.39
N ASP A 162 6.21 -10.25 21.16
CA ASP A 162 7.04 -9.78 20.04
C ASP A 162 8.31 -10.63 19.88
N ARG A 163 8.13 -11.95 19.88
CA ARG A 163 9.25 -12.86 19.75
C ARG A 163 9.48 -13.32 18.32
N GLU A 164 8.51 -13.12 17.43
CA GLU A 164 8.59 -13.50 16.03
C GLU A 164 7.98 -12.40 15.19
N TYR A 165 8.27 -12.43 13.88
CA TYR A 165 7.61 -11.53 12.94
C TYR A 165 7.05 -12.33 11.76
N ILE A 166 6.09 -11.72 11.08
CA ILE A 166 5.56 -12.23 9.81
C ILE A 166 5.99 -11.28 8.71
N ASP A 167 6.38 -11.85 7.57
CA ASP A 167 7.07 -11.08 6.53
C ASP A 167 6.23 -9.90 6.04
N TYR A 168 4.97 -10.15 5.65
CA TYR A 168 4.19 -9.09 5.03
C TYR A 168 2.73 -9.15 5.44
N LEU A 169 2.11 -7.97 5.42
CA LEU A 169 0.67 -7.81 5.49
C LEU A 169 0.23 -7.19 4.17
N VAL A 170 -0.68 -7.84 3.47
CA VAL A 170 -1.03 -7.42 2.12
C VAL A 170 -2.54 -7.28 1.98
N SER A 171 -2.95 -6.41 1.06
CA SER A 171 -4.34 -6.28 0.64
C SER A 171 -4.51 -6.89 -0.75
N ILE A 172 -5.71 -7.38 -1.02
CA ILE A 172 -5.99 -8.03 -2.30
C ILE A 172 -6.34 -6.97 -3.35
N TYR A 173 -5.62 -6.99 -4.45
CA TYR A 173 -5.89 -6.10 -5.57
C TYR A 173 -7.14 -6.56 -6.32
N PRO A 174 -7.97 -5.63 -6.81
CA PRO A 174 -7.90 -4.18 -6.70
C PRO A 174 -8.74 -3.62 -5.55
N TYR A 175 -9.17 -4.48 -4.62
CA TYR A 175 -10.07 -4.04 -3.56
C TYR A 175 -9.37 -3.15 -2.54
N GLY A 176 -8.12 -3.47 -2.22
CA GLY A 176 -7.45 -2.75 -1.17
C GLY A 176 -8.07 -3.02 0.20
N LEU A 177 -7.78 -2.11 1.13
CA LEU A 177 -8.32 -2.19 2.48
C LEU A 177 -9.79 -1.81 2.47
N ARG A 178 -10.65 -2.72 2.92
CA ARG A 178 -12.09 -2.50 2.99
C ARG A 178 -12.62 -3.00 4.32
N ALA A 179 -13.83 -2.54 4.67
CA ALA A 179 -14.51 -3.08 5.83
C ALA A 179 -14.85 -4.55 5.63
N ASP A 180 -15.22 -4.93 4.40
CA ASP A 180 -15.52 -6.32 4.09
C ASP A 180 -14.26 -7.13 3.80
N VAL A 181 -13.24 -6.50 3.20
CA VAL A 181 -12.06 -7.18 2.71
C VAL A 181 -10.94 -6.96 3.72
N ASN A 182 -10.66 -7.98 4.54
CA ASN A 182 -9.60 -7.91 5.54
C ASN A 182 -8.25 -8.24 4.90
N PRO A 183 -7.16 -7.62 5.37
CA PRO A 183 -5.85 -7.91 4.78
C PRO A 183 -5.34 -9.27 5.22
N ILE A 184 -4.28 -9.72 4.54
CA ILE A 184 -3.77 -11.08 4.67
C ILE A 184 -2.33 -11.02 5.12
N TYR A 185 -2.01 -11.76 6.18
CA TYR A 185 -0.63 -11.99 6.58
C TYR A 185 -0.03 -13.13 5.76
N ILE A 186 1.12 -12.88 5.13
CA ILE A 186 1.78 -13.88 4.32
C ILE A 186 3.26 -13.97 4.70
N SER A 187 3.82 -15.15 4.52
CA SER A 187 5.27 -15.30 4.55
C SER A 187 5.84 -15.04 3.16
N ASN A 188 7.16 -14.82 3.12
CA ASN A 188 7.80 -14.45 1.86
C ASN A 188 7.66 -15.54 0.80
N PHE A 189 7.56 -16.82 1.21
CA PHE A 189 7.49 -17.86 0.19
C PHE A 189 6.14 -17.90 -0.52
N PHE A 190 5.15 -17.11 -0.07
CA PHE A 190 3.88 -17.00 -0.78
C PHE A 190 4.02 -16.25 -2.11
N ILE A 191 5.09 -15.49 -2.28
CA ILE A 191 5.21 -14.58 -3.42
C ILE A 191 5.67 -15.36 -4.65
N LYS A 192 4.88 -15.26 -5.73
CA LYS A 192 5.23 -15.87 -7.00
C LYS A 192 6.03 -14.92 -7.88
N LYS A 193 5.68 -13.63 -7.87
CA LYS A 193 6.27 -12.66 -8.77
C LYS A 193 6.14 -11.27 -8.15
N VAL A 194 7.09 -10.40 -8.47
CA VAL A 194 6.99 -8.98 -8.15
C VAL A 194 6.68 -8.24 -9.44
N LEU A 195 5.53 -7.57 -9.48
CA LEU A 195 5.09 -6.85 -10.67
C LEU A 195 5.67 -5.44 -10.74
N GLN A 196 5.56 -4.67 -9.66
CA GLN A 196 6.02 -3.29 -9.64
C GLN A 196 6.34 -2.88 -8.21
N GLU A 197 7.59 -2.51 -7.97
CA GLU A 197 8.01 -2.09 -6.65
C GLU A 197 7.46 -0.71 -6.29
N GLY A 198 7.13 -0.55 -5.01
CA GLY A 198 6.72 0.74 -4.51
C GLY A 198 7.89 1.71 -4.36
N TYR A 199 7.56 2.89 -3.83
CA TYR A 199 8.58 3.92 -3.66
C TYR A 199 9.49 3.59 -2.48
N SER A 200 10.77 3.90 -2.63
CA SER A 200 11.72 3.72 -1.55
C SER A 200 12.88 4.69 -1.74
N ASP A 201 13.37 5.26 -0.65
CA ASP A 201 14.51 6.16 -0.67
C ASP A 201 15.38 5.87 0.55
N ALA A 202 16.34 6.76 0.80
CA ALA A 202 17.30 6.53 1.88
C ALA A 202 16.62 6.48 3.24
N ILE A 203 15.51 7.18 3.41
CA ILE A 203 14.77 7.12 4.67
C ILE A 203 14.27 5.70 4.93
N ASP A 204 13.70 5.06 3.91
CA ASP A 204 13.21 3.69 4.07
C ASP A 204 14.35 2.73 4.33
N GLU A 205 15.46 2.87 3.59
CA GLU A 205 16.59 1.96 3.78
C GLU A 205 17.17 2.08 5.18
N GLN A 206 17.27 3.30 5.69
CA GLN A 206 17.76 3.51 7.06
C GLN A 206 16.81 2.90 8.09
N TYR A 207 15.50 3.08 7.89
CA TYR A 207 14.53 2.52 8.82
C TYR A 207 14.57 1.00 8.81
N ILE A 208 14.61 0.40 7.61
CA ILE A 208 14.68 -1.06 7.49
C ILE A 208 15.90 -1.60 8.23
N GLU A 209 17.07 -0.99 7.98
CA GLU A 209 18.30 -1.47 8.59
C GLU A 209 18.23 -1.39 10.11
N ASN A 210 17.73 -0.28 10.64
CA ASN A 210 17.77 -0.06 12.09
C ASN A 210 16.72 -0.88 12.83
N GLN A 211 15.50 -0.96 12.29
CA GLN A 211 14.40 -1.60 12.99
C GLN A 211 14.24 -3.07 12.61
N TYR A 212 14.16 -3.36 11.31
CA TYR A 212 13.85 -4.71 10.87
C TYR A 212 15.06 -5.64 10.85
N ARG A 213 16.27 -5.11 11.04
CA ARG A 213 17.45 -5.96 11.08
C ARG A 213 18.23 -5.80 12.38
N LYS A 214 18.69 -4.57 12.66
CA LYS A 214 19.51 -4.34 13.85
C LYS A 214 18.72 -4.58 15.14
N ASP A 215 17.60 -3.88 15.31
CA ASP A 215 16.82 -4.03 16.55
C ASP A 215 16.32 -5.46 16.72
N TYR A 216 15.75 -6.05 15.67
CA TYR A 216 15.26 -7.42 15.76
C TYR A 216 16.39 -8.39 16.12
N PHE A 217 17.56 -8.20 15.52
CA PHE A 217 18.70 -9.07 15.85
C PHE A 217 19.05 -8.96 17.33
N SER A 218 19.01 -7.75 17.88
CA SER A 218 19.35 -7.53 19.29
C SER A 218 18.35 -8.20 20.22
N ARG A 219 17.12 -8.42 19.77
CA ARG A 219 16.10 -9.06 20.59
C ARG A 219 15.81 -10.50 20.18
N ASN A 220 16.60 -11.06 19.26
CA ASN A 220 16.43 -12.43 18.78
C ASN A 220 15.06 -12.65 18.16
N ILE A 221 14.61 -11.69 17.36
CA ILE A 221 13.33 -11.75 16.69
C ILE A 221 13.57 -12.19 15.25
N VAL A 222 13.03 -13.36 14.89
CA VAL A 222 13.19 -13.93 13.56
C VAL A 222 11.81 -14.26 12.99
N SER A 223 11.79 -14.67 11.74
CA SER A 223 10.55 -14.98 11.06
C SER A 223 9.88 -16.21 11.67
N GLU A 224 8.54 -16.19 11.71
CA GLU A 224 7.79 -17.24 12.38
C GLU A 224 7.94 -18.61 11.73
N ILE A 225 8.28 -18.66 10.44
CA ILE A 225 8.33 -19.94 9.73
C ILE A 225 9.45 -20.85 10.22
N TYR A 226 10.40 -20.32 10.97
CA TYR A 226 11.57 -21.12 11.35
C TYR A 226 11.38 -21.89 12.66
N ASN A 227 10.65 -21.31 13.62
N ASN A 227 10.65 -21.31 13.62
CA ASN A 227 10.36 -21.96 14.90
CA ASN A 227 10.36 -21.97 14.91
C ASN A 227 11.63 -22.50 15.56
C ASN A 227 11.63 -22.51 15.55
N VAL A 228 12.53 -21.60 15.89
CA VAL A 228 13.80 -21.95 16.50
C VAL A 228 13.60 -22.38 17.95
N MET B 15 -16.61 6.68 -20.46
CA MET B 15 -16.41 7.42 -21.71
C MET B 15 -17.60 8.34 -21.98
N GLY B 16 -18.26 8.11 -23.11
CA GLY B 16 -19.56 8.73 -23.31
C GLY B 16 -20.55 8.33 -22.25
N GLU B 17 -20.38 7.13 -21.70
CA GLU B 17 -21.20 6.69 -20.57
C GLU B 17 -21.00 7.61 -19.37
N MET B 18 -19.75 7.89 -19.02
CA MET B 18 -19.46 8.76 -17.88
C MET B 18 -19.95 10.18 -18.13
N ASP B 19 -19.87 10.64 -19.39
CA ASP B 19 -20.34 11.98 -19.71
C ASP B 19 -21.85 12.09 -19.54
N ILE B 20 -22.57 11.02 -19.90
CA ILE B 20 -24.02 11.03 -19.74
C ILE B 20 -24.40 10.95 -18.28
N LEU B 21 -23.68 10.15 -17.50
CA LEU B 21 -23.92 10.11 -16.06
C LEU B 21 -23.71 11.49 -15.45
N TYR B 22 -22.66 12.20 -15.89
CA TYR B 22 -22.44 13.55 -15.38
C TYR B 22 -23.56 14.49 -15.80
N GLN B 23 -24.03 14.36 -17.05
CA GLN B 23 -25.19 15.13 -17.47
C GLN B 23 -26.39 14.86 -16.57
N MET B 24 -26.64 13.59 -16.27
CA MET B 24 -27.79 13.22 -15.45
C MET B 24 -27.67 13.81 -14.04
N SER B 25 -26.47 13.77 -13.47
CA SER B 25 -26.28 14.30 -12.12
C SER B 25 -26.63 15.77 -12.04
N LEU B 26 -26.43 16.52 -13.13
CA LEU B 26 -26.78 17.93 -13.12
C LEU B 26 -28.28 18.18 -13.01
N ASN B 27 -29.11 17.16 -13.24
CA ASN B 27 -30.55 17.28 -13.05
C ASN B 27 -30.95 17.28 -11.58
N HIS B 28 -30.01 16.95 -10.68
CA HIS B 28 -30.22 17.11 -9.24
C HIS B 28 -30.14 18.57 -8.80
N LEU B 29 -29.81 19.48 -9.70
CA LEU B 29 -29.67 20.90 -9.39
C LEU B 29 -30.91 21.65 -9.85
N ALA B 30 -31.26 22.69 -9.10
CA ALA B 30 -32.47 23.47 -9.39
C ALA B 30 -32.10 24.70 -10.21
N VAL B 31 -31.64 24.45 -11.44
CA VAL B 31 -31.18 25.52 -12.32
C VAL B 31 -31.72 25.31 -13.72
N ILE B 32 -31.70 26.39 -14.50
CA ILE B 32 -32.14 26.34 -15.88
C ILE B 32 -31.20 25.44 -16.69
N GLU B 33 -31.66 25.04 -17.87
CA GLU B 33 -30.87 24.15 -18.72
C GLU B 33 -29.63 24.86 -19.25
N ALA B 34 -29.76 26.13 -19.64
CA ALA B 34 -28.60 26.89 -20.08
C ALA B 34 -27.52 26.93 -19.01
N ASP B 35 -27.92 26.99 -17.74
CA ASP B 35 -26.94 27.00 -16.66
C ASP B 35 -26.28 25.64 -16.49
N LYS B 36 -27.01 24.55 -16.73
CA LYS B 36 -26.42 23.22 -16.60
C LYS B 36 -25.29 23.02 -17.60
N GLU B 37 -25.46 23.55 -18.83
CA GLU B 37 -24.41 23.40 -19.83
C GLU B 37 -23.15 24.14 -19.42
N VAL B 38 -23.29 25.30 -18.79
CA VAL B 38 -22.12 26.04 -18.32
C VAL B 38 -21.46 25.29 -17.17
N LEU B 39 -22.25 24.78 -16.23
CA LEU B 39 -21.68 24.03 -15.12
C LEU B 39 -21.01 22.75 -15.60
N LYS B 40 -21.54 22.13 -16.66
CA LYS B 40 -20.91 20.94 -17.20
C LYS B 40 -19.52 21.25 -17.75
N GLN B 41 -19.38 22.36 -18.45
CA GLN B 41 -18.08 22.74 -19.00
C GLN B 41 -17.09 23.05 -17.88
N VAL B 42 -17.52 23.80 -16.87
CA VAL B 42 -16.61 24.18 -15.79
C VAL B 42 -16.23 22.96 -14.96
N GLY B 43 -17.18 22.03 -14.79
CA GLY B 43 -16.89 20.83 -14.04
C GLY B 43 -15.86 19.95 -14.73
N LEU B 44 -16.01 19.75 -16.04
CA LEU B 44 -15.01 19.02 -16.80
C LEU B 44 -13.66 19.72 -16.75
N SER B 45 -13.68 21.05 -16.76
CA SER B 45 -12.44 21.82 -16.63
C SER B 45 -11.76 21.57 -15.29
N LEU B 46 -12.54 21.61 -14.20
CA LEU B 46 -11.97 21.37 -12.87
C LEU B 46 -11.47 19.93 -12.74
N ALA B 47 -12.25 18.97 -13.23
CA ALA B 47 -11.85 17.58 -13.09
C ALA B 47 -10.55 17.28 -13.83
N LYS B 48 -10.30 17.95 -14.95
CA LYS B 48 -9.10 17.72 -15.73
C LYS B 48 -7.87 18.38 -15.14
N GLN B 49 -8.02 19.28 -14.17
CA GLN B 49 -6.90 19.98 -13.54
C GLN B 49 -6.95 19.69 -12.04
N GLU B 50 -6.25 18.63 -11.63
CA GLU B 50 -6.39 18.15 -10.26
C GLU B 50 -5.94 19.18 -9.23
N GLU B 51 -4.85 19.90 -9.50
CA GLU B 51 -4.37 20.87 -8.53
C GLU B 51 -5.35 22.03 -8.38
N ALA B 52 -5.96 22.46 -9.50
CA ALA B 52 -6.95 23.53 -9.43
C ALA B 52 -8.19 23.08 -8.68
N PHE B 53 -8.64 21.85 -8.93
CA PHE B 53 -9.80 21.33 -8.21
C PHE B 53 -9.50 21.18 -6.72
N ARG B 54 -8.31 20.70 -6.37
CA ARG B 54 -7.92 20.62 -4.97
C ARG B 54 -7.95 22.01 -4.31
N GLU B 55 -7.50 23.04 -5.04
CA GLU B 55 -7.53 24.40 -4.50
C GLU B 55 -8.96 24.83 -4.18
N LEU B 56 -9.90 24.57 -5.09
CA LEU B 56 -11.27 24.96 -4.87
C LEU B 56 -11.88 24.18 -3.71
N GLN B 57 -11.54 22.89 -3.58
CA GLN B 57 -12.04 22.10 -2.47
C GLN B 57 -11.55 22.66 -1.14
N LEU B 58 -10.29 23.09 -1.08
CA LEU B 58 -9.75 23.67 0.15
C LEU B 58 -10.42 25.00 0.46
N ILE B 59 -10.71 25.79 -0.59
CA ILE B 59 -11.40 27.06 -0.41
C ILE B 59 -12.79 26.83 0.17
N LEU B 60 -13.48 25.80 -0.32
CA LEU B 60 -14.79 25.43 0.24
C LEU B 60 -14.64 24.94 1.68
N PHE B 61 -13.60 24.14 1.95
CA PHE B 61 -13.36 23.64 3.30
C PHE B 61 -13.03 24.76 4.27
N ASN B 62 -12.26 25.75 3.82
CA ASN B 62 -11.84 26.86 4.67
C ASN B 62 -12.88 27.97 4.77
N HIS B 63 -14.02 27.83 4.09
CA HIS B 63 -15.04 28.88 4.05
C HIS B 63 -14.48 30.17 3.46
N GLU B 64 -13.59 30.04 2.48
CA GLU B 64 -13.03 31.23 1.86
C GLU B 64 -14.00 31.76 0.80
N HIS B 65 -13.65 32.91 0.22
CA HIS B 65 -14.61 33.72 -0.51
C HIS B 65 -14.44 33.69 -2.02
N SER B 66 -13.21 33.54 -2.52
CA SER B 66 -12.93 33.78 -3.93
C SER B 66 -12.04 32.67 -4.48
N TYR B 67 -12.37 32.23 -5.70
CA TYR B 67 -11.55 31.25 -6.41
C TYR B 67 -11.43 31.67 -7.85
N SER B 68 -10.20 31.63 -8.38
CA SER B 68 -9.97 31.94 -9.78
C SER B 68 -8.92 30.98 -10.33
N HIS B 69 -9.15 30.51 -11.55
CA HIS B 69 -8.16 29.69 -12.23
C HIS B 69 -8.08 30.11 -13.69
N HIS B 70 -6.84 30.18 -14.19
CA HIS B 70 -6.59 30.60 -15.57
C HIS B 70 -5.82 29.56 -16.36
N GLY B 71 -5.65 28.35 -15.82
CA GLY B 71 -4.89 27.29 -16.46
C GLY B 71 -5.53 26.72 -17.70
N ILE B 72 -6.81 27.02 -17.96
CA ILE B 72 -7.44 26.58 -19.21
C ILE B 72 -6.95 27.48 -20.33
N LEU B 73 -6.81 26.89 -21.52
CA LEU B 73 -6.22 27.61 -22.65
C LEU B 73 -7.14 28.71 -23.16
N GLY B 74 -8.43 28.62 -22.89
CA GLY B 74 -9.39 29.49 -23.54
C GLY B 74 -9.93 30.63 -22.70
N SER B 75 -10.31 30.36 -21.46
CA SER B 75 -10.99 31.39 -20.67
C SER B 75 -10.85 31.06 -19.19
N SER B 76 -10.60 32.09 -18.39
CA SER B 76 -10.47 31.91 -16.95
C SER B 76 -11.81 31.52 -16.33
N ILE B 77 -11.74 31.04 -15.09
CA ILE B 77 -12.90 30.68 -14.30
C ILE B 77 -12.81 31.39 -12.97
N GLU B 78 -13.88 32.09 -12.59
CA GLU B 78 -13.95 32.77 -11.31
C GLU B 78 -15.19 32.29 -10.56
N ILE B 79 -15.01 31.93 -9.29
CA ILE B 79 -16.12 31.51 -8.43
C ILE B 79 -16.11 32.38 -7.19
N LEU B 80 -17.27 32.94 -6.87
CA LEU B 80 -17.44 33.77 -5.68
C LEU B 80 -18.43 33.08 -4.74
N LEU B 81 -18.00 32.83 -3.51
CA LEU B 81 -18.84 32.20 -2.50
C LEU B 81 -19.40 33.30 -1.61
N HIS B 82 -20.72 33.51 -1.69
CA HIS B 82 -21.40 34.52 -0.87
C HIS B 82 -22.05 33.80 0.31
N TRP B 83 -21.24 33.62 1.36
CA TRP B 83 -21.63 32.79 2.49
C TRP B 83 -22.83 33.36 3.24
N GLU B 84 -22.94 34.69 3.33
CA GLU B 84 -24.09 35.25 4.04
C GLU B 84 -25.36 35.11 3.22
N GLN B 85 -25.27 35.30 1.91
CA GLN B 85 -26.42 35.12 1.02
C GLN B 85 -26.69 33.66 0.68
N ASN B 86 -25.84 32.75 1.16
CA ASN B 86 -26.03 31.31 0.99
C ASN B 86 -26.16 30.94 -0.49
N ASN B 87 -25.41 31.63 -1.35
CA ASN B 87 -25.38 31.29 -2.76
C ASN B 87 -23.97 31.50 -3.30
N VAL B 88 -23.79 31.16 -4.58
CA VAL B 88 -22.49 31.13 -5.23
C VAL B 88 -22.65 31.67 -6.65
N GLU B 89 -21.62 32.39 -7.13
CA GLU B 89 -21.58 32.86 -8.51
C GLU B 89 -20.44 32.16 -9.23
N VAL B 90 -20.75 31.52 -10.35
CA VAL B 90 -19.76 30.87 -11.21
C VAL B 90 -19.70 31.64 -12.52
N MET B 91 -18.54 32.22 -12.80
CA MET B 91 -18.33 33.01 -14.02
C MET B 91 -17.45 32.24 -14.98
N TYR B 92 -17.88 32.16 -16.24
CA TYR B 92 -17.17 31.38 -17.25
C TYR B 92 -17.51 31.92 -18.64
N LEU B 93 -16.48 32.26 -19.40
CA LEU B 93 -16.65 32.72 -20.79
C LEU B 93 -17.61 33.90 -20.87
N GLU B 94 -17.50 34.81 -19.90
CA GLU B 94 -18.39 35.97 -19.78
C GLU B 94 -19.85 35.56 -19.59
N THR B 95 -20.08 34.38 -19.01
CA THR B 95 -21.40 33.94 -18.55
C THR B 95 -21.38 33.85 -17.03
N LYS B 96 -22.56 33.95 -16.42
CA LYS B 96 -22.68 33.88 -14.97
C LYS B 96 -23.82 32.96 -14.59
N VAL B 97 -23.53 32.01 -13.69
CA VAL B 97 -24.53 31.10 -13.14
C VAL B 97 -24.59 31.33 -11.64
N ALA B 98 -25.80 31.58 -11.15
CA ALA B 98 -26.03 31.71 -9.71
C ALA B 98 -26.56 30.40 -9.17
N LEU B 99 -25.90 29.88 -8.13
CA LEU B 99 -26.27 28.62 -7.49
C LEU B 99 -26.48 28.86 -6.02
N SER B 100 -27.45 28.16 -5.43
CA SER B 100 -27.50 28.10 -3.99
C SER B 100 -26.27 27.37 -3.47
N MET B 101 -25.94 27.60 -2.19
CA MET B 101 -24.80 26.92 -1.61
C MET B 101 -25.00 25.39 -1.63
N ILE B 102 -26.24 24.93 -1.44
CA ILE B 102 -26.49 23.49 -1.42
C ILE B 102 -26.31 22.89 -2.81
N ASP B 103 -26.72 23.62 -3.86
CA ASP B 103 -26.54 23.11 -5.22
C ASP B 103 -25.08 23.18 -5.63
N PHE B 104 -24.37 24.20 -5.17
CA PHE B 104 -22.93 24.29 -5.46
C PHE B 104 -22.20 23.08 -4.90
N ARG B 105 -22.49 22.72 -3.64
N ARG B 105 -22.50 22.69 -3.65
CA ARG B 105 -21.89 21.54 -3.04
CA ARG B 105 -21.84 21.53 -3.07
C ARG B 105 -22.27 20.28 -3.80
C ARG B 105 -22.29 20.23 -3.74
N ARG B 106 -23.54 20.18 -4.20
CA ARG B 106 -23.98 19.00 -4.94
C ARG B 106 -23.29 18.90 -6.28
N TRP B 107 -23.18 20.03 -6.99
CA TRP B 107 -22.52 20.04 -8.30
C TRP B 107 -21.08 19.58 -8.18
N LEU B 108 -20.34 20.11 -7.20
CA LEU B 108 -18.95 19.68 -7.03
C LEU B 108 -18.87 18.22 -6.62
N ALA B 109 -19.80 17.77 -5.78
CA ALA B 109 -19.76 16.40 -5.28
C ALA B 109 -19.90 15.38 -6.41
N TYR B 110 -20.83 15.64 -7.34
CA TYR B 110 -21.00 14.70 -8.44
C TYR B 110 -19.91 14.87 -9.50
N THR B 111 -19.37 16.08 -9.65
CA THR B 111 -18.17 16.25 -10.46
C THR B 111 -17.03 15.41 -9.91
N ASP B 112 -16.80 15.52 -8.59
CA ASP B 112 -15.75 14.74 -7.94
C ASP B 112 -15.99 13.24 -8.11
N LEU B 113 -17.20 12.79 -7.79
CA LEU B 113 -17.53 11.37 -7.86
C LEU B 113 -17.29 10.80 -9.25
N LEU B 114 -17.78 11.47 -10.29
CA LEU B 114 -17.83 10.86 -11.60
C LEU B 114 -16.61 11.15 -12.47
N LEU B 115 -15.89 12.25 -12.22
CA LEU B 115 -14.86 12.69 -13.14
C LEU B 115 -13.47 12.80 -12.55
N SER B 116 -13.32 12.84 -11.22
CA SER B 116 -12.00 13.05 -10.65
C SER B 116 -11.17 11.77 -10.73
N PRO B 117 -9.90 11.87 -11.11
CA PRO B 117 -9.04 10.69 -11.13
C PRO B 117 -8.93 10.04 -9.75
N ILE B 118 -8.71 8.73 -9.74
CA ILE B 118 -8.55 7.95 -8.53
C ILE B 118 -7.19 7.25 -8.61
N LEU B 119 -6.36 7.45 -7.58
CA LEU B 119 -4.99 6.95 -7.61
C LEU B 119 -4.95 5.43 -7.45
N PRO B 120 -3.95 4.78 -8.04
CA PRO B 120 -3.77 3.34 -7.80
C PRO B 120 -3.42 3.04 -6.36
N LEU B 121 -3.79 1.83 -5.94
CA LEU B 121 -3.34 1.32 -4.64
C LEU B 121 -1.81 1.27 -4.61
N GLY B 122 -1.26 1.57 -3.45
CA GLY B 122 0.19 1.55 -3.28
C GLY B 122 0.89 2.80 -3.74
N THR B 123 0.15 3.80 -4.21
CA THR B 123 0.75 5.06 -4.62
C THR B 123 1.33 5.78 -3.41
N THR B 124 2.52 6.35 -3.59
CA THR B 124 3.18 7.14 -2.56
C THR B 124 2.92 8.63 -2.80
N ILE B 125 2.43 9.31 -1.78
CA ILE B 125 2.02 10.71 -1.90
C ILE B 125 2.68 11.52 -0.79
N GLU B 126 2.79 12.82 -1.03
CA GLU B 126 3.21 13.78 -0.01
C GLU B 126 1.98 14.58 0.43
N LEU B 127 1.79 14.69 1.73
CA LEU B 127 0.62 15.36 2.30
C LEU B 127 0.96 16.78 2.73
N ASN B 128 -0.06 17.63 2.75
CA ASN B 128 0.06 19.00 3.24
C ASN B 128 0.08 18.98 4.77
N LYS B 129 1.22 19.32 5.37
CA LYS B 129 1.32 19.24 6.83
C LYS B 129 0.37 20.19 7.54
N ASP B 130 0.01 21.30 6.90
CA ASP B 130 -0.86 22.29 7.53
C ASP B 130 -2.29 21.78 7.71
N LEU B 131 -2.68 20.73 6.99
CA LEU B 131 -4.00 20.13 7.10
C LEU B 131 -4.03 18.92 8.02
N LEU B 132 -2.92 18.60 8.66
CA LEU B 132 -2.79 17.45 9.54
C LEU B 132 -2.68 17.90 10.99
N PRO B 133 -3.06 17.05 11.94
CA PRO B 133 -2.88 17.40 13.35
C PRO B 133 -1.42 17.71 13.67
N ALA B 134 -1.21 18.77 14.45
CA ALA B 134 0.15 19.24 14.71
C ALA B 134 1.01 18.16 15.33
N ALA B 135 0.47 17.43 16.31
CA ALA B 135 1.25 16.39 16.97
C ALA B 135 1.69 15.32 15.98
N LEU B 136 0.87 15.06 14.96
CA LEU B 136 1.16 13.98 14.02
C LEU B 136 2.36 14.32 13.13
N VAL B 137 2.58 15.61 12.83
CA VAL B 137 3.65 16.00 11.93
C VAL B 137 4.95 16.34 12.65
N THR B 138 4.94 16.35 13.99
CA THR B 138 6.09 16.82 14.75
C THR B 138 7.34 16.02 14.43
N SER B 139 7.22 14.69 14.37
CA SER B 139 8.41 13.86 14.16
C SER B 139 8.99 14.08 12.77
N MET B 140 8.15 14.33 11.77
CA MET B 140 8.69 14.60 10.45
C MET B 140 9.38 15.95 10.41
N ASN B 141 8.77 16.97 11.04
CA ASN B 141 9.41 18.27 11.14
C ASN B 141 10.77 18.17 11.83
N GLU B 142 10.87 17.31 12.85
CA GLU B 142 12.06 17.28 13.68
C GLU B 142 13.29 16.86 12.89
N ILE B 143 13.11 16.13 11.79
CA ILE B 143 14.22 15.72 10.94
C ILE B 143 14.13 16.37 9.55
N GLY B 144 13.21 17.32 9.38
CA GLY B 144 13.14 18.06 8.13
C GLY B 144 12.67 17.26 6.94
N MET B 145 11.89 16.22 7.18
CA MET B 145 11.43 15.36 6.11
C MET B 145 9.98 15.64 5.76
N PRO B 146 9.58 15.45 4.50
CA PRO B 146 8.16 15.61 4.14
C PRO B 146 7.31 14.50 4.72
N PHE B 147 6.01 14.78 4.81
CA PHE B 147 5.05 13.79 5.28
C PHE B 147 4.67 12.93 4.08
N LEU B 148 5.21 11.73 4.01
CA LEU B 148 4.91 10.79 2.94
C LEU B 148 3.97 9.70 3.43
N ALA B 149 3.10 9.23 2.54
CA ALA B 149 2.08 8.27 2.88
C ALA B 149 1.84 7.34 1.69
N ILE B 150 1.25 6.17 1.97
CA ILE B 150 0.94 5.17 0.96
C ILE B 150 -0.56 4.95 0.93
N VAL B 151 -1.14 4.95 -0.27
CA VAL B 151 -2.57 4.69 -0.42
C VAL B 151 -2.85 3.22 -0.14
N LEU B 152 -3.64 2.96 0.91
CA LEU B 152 -4.04 1.61 1.29
C LEU B 152 -5.45 1.26 0.85
N GLY B 153 -6.34 2.24 0.85
CA GLY B 153 -7.74 2.05 0.48
C GLY B 153 -8.28 3.32 -0.14
N ARG B 154 -9.37 3.16 -0.90
CA ARG B 154 -9.86 4.25 -1.73
C ARG B 154 -11.37 4.35 -1.63
N ARG B 155 -11.87 5.58 -1.53
CA ARG B 155 -13.31 5.88 -1.47
C ARG B 155 -14.04 4.96 -0.51
N LEU B 156 -13.58 4.97 0.74
CA LEU B 156 -14.08 4.07 1.76
C LEU B 156 -15.38 4.59 2.35
N LEU B 157 -16.31 3.67 2.61
CA LEU B 157 -17.61 4.05 3.14
C LEU B 157 -17.50 4.46 4.61
N LEU B 158 -18.26 5.49 4.98
N LEU B 158 -18.28 5.47 4.99
CA LEU B 158 -18.19 6.09 6.31
CA LEU B 158 -18.07 6.21 6.24
C LEU B 158 -19.36 5.57 7.14
C LEU B 158 -19.23 5.99 7.20
N GLY B 159 -19.05 4.75 8.15
N GLY B 159 -18.90 6.04 8.50
CA GLY B 159 -20.06 4.16 9.00
CA GLY B 159 -19.87 5.99 9.57
C GLY B 159 -20.69 5.18 9.92
C GLY B 159 -20.66 4.70 9.58
N PRO B 160 -21.84 4.82 10.51
N PRO B 160 -21.71 4.66 10.41
CA PRO B 160 -22.59 3.57 10.32
CA PRO B 160 -22.65 3.52 10.34
C PRO B 160 -23.60 3.64 9.17
C PRO B 160 -23.67 3.65 9.22
N GLU B 161 -23.87 4.85 8.69
CA GLU B 161 -24.86 5.02 7.61
C GLU B 161 -24.34 4.49 6.29
N ASP B 162 -23.03 4.64 6.03
CA ASP B 162 -22.43 4.32 4.74
C ASP B 162 -23.12 5.10 3.61
N ARG B 163 -23.34 6.39 3.86
CA ARG B 163 -23.97 7.27 2.90
C ARG B 163 -22.98 8.17 2.17
N GLU B 164 -21.79 8.37 2.72
CA GLU B 164 -20.74 9.16 2.08
C GLU B 164 -19.43 8.39 2.17
N TYR B 165 -18.45 8.83 1.38
CA TYR B 165 -17.16 8.16 1.36
C TYR B 165 -16.03 9.12 1.71
N ILE B 166 -14.90 8.53 2.08
CA ILE B 166 -13.66 9.24 2.35
C ILE B 166 -12.65 8.87 1.27
N ASP B 167 -11.99 9.88 0.70
CA ASP B 167 -11.17 9.67 -0.49
C ASP B 167 -10.14 8.57 -0.31
N TYR B 168 -9.30 8.67 0.73
CA TYR B 168 -8.22 7.70 0.87
C TYR B 168 -7.99 7.33 2.33
N LEU B 169 -7.52 6.09 2.52
CA LEU B 169 -6.96 5.63 3.77
C LEU B 169 -5.49 5.33 3.52
N VAL B 170 -4.60 5.95 4.32
CA VAL B 170 -3.17 5.91 4.02
C VAL B 170 -2.39 5.49 5.26
N SER B 171 -1.22 4.89 5.02
CA SER B 171 -0.27 4.57 6.07
C SER B 171 0.90 5.55 6.00
N ILE B 172 1.51 5.78 7.16
CA ILE B 172 2.63 6.71 7.24
C ILE B 172 3.89 6.02 6.79
N TYR B 173 4.59 6.60 5.81
CA TYR B 173 5.87 6.13 5.31
C TYR B 173 6.98 6.54 6.27
N PRO B 174 7.98 5.67 6.52
CA PRO B 174 8.16 4.32 5.99
C PRO B 174 7.67 3.23 6.94
N TYR B 175 6.85 3.59 7.94
CA TYR B 175 6.40 2.61 8.94
C TYR B 175 5.42 1.61 8.33
N GLY B 176 4.54 2.06 7.43
CA GLY B 176 3.51 1.19 6.87
C GLY B 176 2.41 0.89 7.87
N LEU B 177 1.57 -0.08 7.50
CA LEU B 177 0.46 -0.47 8.35
C LEU B 177 0.95 -1.33 9.51
N ARG B 178 0.62 -0.93 10.74
CA ARG B 178 1.08 -1.61 11.95
C ARG B 178 -0.03 -1.82 12.97
N ALA B 179 0.39 -2.22 14.17
CA ALA B 179 -0.43 -2.15 15.37
C ALA B 179 -0.08 -0.94 16.23
N ASP B 180 1.18 -0.50 16.19
CA ASP B 180 1.58 0.70 16.91
C ASP B 180 1.21 1.98 16.17
N VAL B 181 1.02 1.91 14.85
CA VAL B 181 0.72 3.07 14.02
C VAL B 181 -0.56 2.78 13.25
N ASN B 182 -1.63 3.51 13.54
CA ASN B 182 -2.90 3.33 12.87
C ASN B 182 -2.94 4.15 11.58
N PRO B 183 -3.66 3.69 10.55
CA PRO B 183 -3.73 4.44 9.31
C PRO B 183 -4.61 5.68 9.45
N ILE B 184 -4.42 6.60 8.52
CA ILE B 184 -5.05 7.92 8.56
C ILE B 184 -6.02 8.03 7.40
N TYR B 185 -7.20 8.57 7.67
CA TYR B 185 -8.15 8.95 6.62
C TYR B 185 -7.84 10.36 6.18
N ILE B 186 -7.80 10.58 4.87
CA ILE B 186 -7.50 11.89 4.30
C ILE B 186 -8.49 12.19 3.17
N SER B 187 -8.75 13.47 2.97
CA SER B 187 -9.45 13.92 1.78
C SER B 187 -8.45 14.16 0.66
N ASN B 188 -8.94 14.16 -0.58
CA ASN B 188 -8.08 14.38 -1.73
C ASN B 188 -7.32 15.70 -1.64
N PHE B 189 -7.90 16.72 -1.02
CA PHE B 189 -7.21 18.02 -0.99
C PHE B 189 -6.08 18.06 0.02
N PHE B 190 -5.85 16.99 0.79
CA PHE B 190 -4.65 16.89 1.62
C PHE B 190 -3.39 16.65 0.79
N ILE B 191 -3.54 16.21 -0.45
CA ILE B 191 -2.41 15.71 -1.24
C ILE B 191 -1.66 16.88 -1.85
N LYS B 192 -0.38 16.99 -1.51
CA LYS B 192 0.50 18.02 -2.03
C LYS B 192 1.20 17.59 -3.32
N LYS B 193 1.48 16.30 -3.48
CA LYS B 193 2.23 15.80 -4.63
C LYS B 193 2.10 14.30 -4.67
N VAL B 194 2.14 13.74 -5.88
CA VAL B 194 2.19 12.29 -6.08
C VAL B 194 3.62 11.93 -6.46
N LEU B 195 4.27 11.12 -5.63
CA LEU B 195 5.66 10.78 -5.87
C LEU B 195 5.80 9.63 -6.86
N GLN B 196 5.00 8.58 -6.69
CA GLN B 196 5.10 7.41 -7.55
C GLN B 196 3.79 6.64 -7.49
N GLU B 197 3.13 6.48 -8.64
CA GLU B 197 1.86 5.78 -8.69
C GLU B 197 2.07 4.27 -8.55
N GLY B 198 1.15 3.63 -7.84
CA GLY B 198 1.15 2.19 -7.75
C GLY B 198 0.70 1.54 -9.05
N TYR B 199 0.63 0.21 -9.02
CA TYR B 199 0.25 -0.56 -10.19
C TYR B 199 -1.26 -0.46 -10.44
N SER B 200 -1.63 -0.37 -11.72
CA SER B 200 -3.03 -0.34 -12.13
C SER B 200 -3.13 -0.85 -13.56
N ASP B 201 -4.16 -1.68 -13.81
CA ASP B 201 -4.42 -2.17 -15.16
C ASP B 201 -5.93 -2.14 -15.39
N ALA B 202 -6.36 -2.86 -16.43
CA ALA B 202 -7.77 -2.83 -16.83
C ALA B 202 -8.69 -3.37 -15.74
N ILE B 203 -8.23 -4.37 -14.98
CA ILE B 203 -9.04 -4.88 -13.87
C ILE B 203 -9.34 -3.76 -12.88
N ASP B 204 -8.32 -2.97 -12.52
CA ASP B 204 -8.55 -1.86 -11.60
C ASP B 204 -9.47 -0.82 -12.19
N GLU B 205 -9.28 -0.48 -13.47
CA GLU B 205 -10.10 0.55 -14.09
C GLU B 205 -11.56 0.16 -14.16
N GLN B 206 -11.84 -1.12 -14.46
CA GLN B 206 -13.22 -1.59 -14.47
C GLN B 206 -13.82 -1.61 -13.07
N TYR B 207 -13.04 -2.04 -12.08
CA TYR B 207 -13.54 -2.06 -10.71
C TYR B 207 -13.87 -0.66 -10.23
N ILE B 208 -12.95 0.29 -10.45
CA ILE B 208 -13.16 1.68 -10.02
C ILE B 208 -14.43 2.23 -10.64
N GLU B 209 -14.57 2.08 -11.96
CA GLU B 209 -15.73 2.66 -12.63
C GLU B 209 -17.02 2.03 -12.14
N ASN B 210 -17.05 0.70 -12.02
CA ASN B 210 -18.28 0.02 -11.61
C ASN B 210 -18.63 0.31 -10.16
N GLN B 211 -17.65 0.22 -9.26
CA GLN B 211 -17.91 0.32 -7.82
C GLN B 211 -17.88 1.77 -7.33
N TYR B 212 -16.83 2.52 -7.64
CA TYR B 212 -16.61 3.83 -7.03
C TYR B 212 -17.27 4.97 -7.78
N ARG B 213 -17.78 4.73 -8.99
CA ARG B 213 -18.46 5.77 -9.76
C ARG B 213 -19.90 5.38 -10.08
N LYS B 214 -20.11 4.29 -10.82
CA LYS B 214 -21.47 3.93 -11.22
C LYS B 214 -22.31 3.50 -10.01
N ASP B 215 -21.77 2.60 -9.19
CA ASP B 215 -22.54 2.09 -8.05
C ASP B 215 -22.80 3.20 -7.03
N TYR B 216 -21.78 3.98 -6.69
CA TYR B 216 -21.97 5.07 -5.73
C TYR B 216 -22.98 6.09 -6.25
N PHE B 217 -22.97 6.35 -7.55
CA PHE B 217 -23.90 7.33 -8.12
C PHE B 217 -25.35 6.87 -7.97
N SER B 218 -25.62 5.60 -8.25
CA SER B 218 -26.98 5.07 -8.11
C SER B 218 -27.42 5.02 -6.64
N ARG B 219 -26.49 5.12 -5.70
CA ARG B 219 -26.83 5.11 -4.28
C ARG B 219 -26.66 6.47 -3.61
N ASN B 220 -26.29 7.50 -4.38
CA ASN B 220 -26.14 8.87 -3.86
C ASN B 220 -25.06 8.96 -2.79
N ILE B 221 -23.95 8.28 -3.03
CA ILE B 221 -22.80 8.30 -2.13
C ILE B 221 -21.75 9.22 -2.72
N VAL B 222 -21.41 10.29 -1.99
CA VAL B 222 -20.45 11.27 -2.45
C VAL B 222 -19.42 11.52 -1.35
N SER B 223 -18.39 12.29 -1.69
CA SER B 223 -17.32 12.58 -0.74
C SER B 223 -17.86 13.39 0.44
N GLU B 224 -17.38 13.03 1.64
CA GLU B 224 -17.85 13.66 2.86
C GLU B 224 -17.57 15.15 2.92
N ILE B 225 -16.57 15.65 2.17
CA ILE B 225 -16.19 17.04 2.29
C ILE B 225 -17.28 17.98 1.79
N TYR B 226 -18.23 17.49 1.01
CA TYR B 226 -19.26 18.36 0.45
C TYR B 226 -20.47 18.49 1.37
N ASN B 227 -20.67 17.55 2.28
N ASN B 227 -20.67 17.54 2.27
CA ASN B 227 -21.72 17.60 3.30
CA ASN B 227 -21.72 17.62 3.29
C ASN B 227 -23.08 17.91 2.66
C ASN B 227 -23.08 17.91 2.67
N VAL B 228 -23.44 17.13 1.66
CA VAL B 228 -24.71 17.32 0.96
C VAL B 228 -25.83 16.57 1.67
#